data_3IOP
#
_entry.id   3IOP
#
_cell.length_a   122.874
_cell.length_b   122.874
_cell.length_c   47.160
_cell.angle_alpha   90.00
_cell.angle_beta   90.00
_cell.angle_gamma   120.00
#
_symmetry.space_group_name_H-M   'P 32 2 1'
#
loop_
_entity.id
_entity.type
_entity.pdbx_description
1 polymer '3-phosphoinositide-dependent protein kinase 1'
2 non-polymer 2-(5-{[(2R)-2-amino-3-phenylpropyl]oxy}pyridin-3-yl)-8,9-dimethoxybenzo[c][2,7]naphthyridin-4-amine
3 water water
#
_entity_poly.entity_id   1
_entity_poly.type   'polypeptide(L)'
_entity_poly.pdbx_seq_one_letter_code
;GPAMDGTAAEPRPGAGSLQHAQPPPQPRKKRPEDFKFGKILGEGSFSTVVLARELATSREYAIKILEKRHIIKENKVPYV
TRERDVMSRLDHPFFVKLYFTFQDDEKLYFGLSYAKNGELLKYIRKIGSFDETCTRFYTAEIVSALEYLHGKGIIHRDLK
PENILLNEDMHIQITDFGTAKVLSPESKQARAN(SEP)FVGTAQYVSPELLTEKSACKSSDLWALGCIIYQLVAGLPPFR
AGNEYLIFQKIIKLEYDFPEKFFPKARDLVEKLLVLDATKRLGCEEMEGYGPLKAHPFFESVTWENLHQQTPPKLT
;
_entity_poly.pdbx_strand_id   A
#
# COMPACT_ATOMS: atom_id res chain seq x y z
N ARG A 28 1.34 -32.15 -4.93
CA ARG A 28 0.40 -31.01 -4.63
C ARG A 28 0.75 -29.73 -5.40
N LYS A 29 2.02 -29.59 -5.77
CA LYS A 29 2.50 -28.40 -6.49
C LYS A 29 1.74 -28.17 -7.77
N LYS A 30 1.33 -26.92 -7.98
CA LYS A 30 0.54 -26.55 -9.17
C LYS A 30 1.45 -26.27 -10.35
N ARG A 31 0.87 -26.31 -11.55
CA ARG A 31 1.60 -26.09 -12.79
C ARG A 31 0.88 -25.01 -13.59
N PRO A 32 1.56 -24.40 -14.59
CA PRO A 32 0.87 -23.49 -15.50
C PRO A 32 -0.33 -24.14 -16.21
N GLU A 33 -0.26 -25.45 -16.39
CA GLU A 33 -1.29 -26.23 -17.07
C GLU A 33 -2.59 -26.33 -16.26
N ASP A 34 -2.50 -26.07 -14.96
CA ASP A 34 -3.66 -26.10 -14.07
C ASP A 34 -4.54 -24.86 -14.20
N PHE A 35 -4.09 -23.88 -14.99
CA PHE A 35 -4.74 -22.58 -15.06
C PHE A 35 -5.13 -22.16 -16.46
N LYS A 36 -6.23 -21.43 -16.55
CA LYS A 36 -6.61 -20.70 -17.75
C LYS A 36 -6.28 -19.22 -17.50
N PHE A 37 -5.19 -18.76 -18.11
CA PHE A 37 -4.76 -17.39 -17.94
C PHE A 37 -5.63 -16.43 -18.75
N GLY A 38 -5.81 -15.22 -18.23
CA GLY A 38 -6.66 -14.23 -18.86
C GLY A 38 -5.91 -12.95 -19.13
N LYS A 39 -6.53 -11.81 -18.84
CA LYS A 39 -5.94 -10.49 -19.10
C LYS A 39 -4.78 -10.17 -18.16
N ILE A 40 -3.81 -9.43 -18.71
CA ILE A 40 -2.75 -8.83 -17.91
C ILE A 40 -3.36 -7.74 -17.03
N LEU A 41 -3.12 -7.84 -15.72
CA LEU A 41 -3.64 -6.87 -14.76
C LEU A 41 -2.65 -5.72 -14.57
N GLY A 42 -1.37 -6.05 -14.63
CA GLY A 42 -0.30 -5.05 -14.53
C GLY A 42 1.02 -5.57 -15.06
N GLU A 43 1.85 -4.64 -15.54
CA GLU A 43 3.15 -4.95 -16.11
C GLU A 43 4.26 -4.14 -15.44
N GLY A 44 5.35 -4.81 -15.11
CA GLY A 44 6.54 -4.13 -14.58
C GLY A 44 7.80 -4.60 -15.29
N SER A 45 8.93 -4.05 -14.88
CA SER A 45 10.22 -4.42 -15.43
C SER A 45 10.65 -5.82 -15.02
N PHE A 46 10.27 -6.23 -13.82
CA PHE A 46 10.67 -7.53 -13.28
C PHE A 46 9.54 -8.55 -13.19
N SER A 47 8.30 -8.08 -13.34
CA SER A 47 7.15 -8.99 -13.26
C SER A 47 5.97 -8.60 -14.16
N THR A 48 5.03 -9.53 -14.27
CA THR A 48 3.75 -9.31 -14.93
C THR A 48 2.70 -10.01 -14.08
N VAL A 49 1.63 -9.29 -13.73
CA VAL A 49 0.51 -9.90 -13.00
C VAL A 49 -0.65 -10.19 -13.94
N VAL A 50 -1.01 -11.46 -14.04
CA VAL A 50 -2.06 -11.92 -14.94
C VAL A 50 -3.20 -12.58 -14.16
N LEU A 51 -4.43 -12.26 -14.55
CA LEU A 51 -5.60 -12.94 -14.01
C LEU A 51 -5.66 -14.38 -14.54
N ALA A 52 -5.91 -15.33 -13.65
CA ALA A 52 -6.02 -16.73 -14.04
C ALA A 52 -7.14 -17.43 -13.28
N ARG A 53 -7.84 -18.32 -14.00
CA ARG A 53 -8.82 -19.20 -13.37
C ARG A 53 -8.27 -20.63 -13.29
N GLU A 54 -8.21 -21.15 -12.06
CA GLU A 54 -7.79 -22.52 -11.82
C GLU A 54 -8.88 -23.46 -12.32
N LEU A 55 -8.50 -24.42 -13.16
CA LEU A 55 -9.45 -25.30 -13.85
C LEU A 55 -10.17 -26.26 -12.90
N ALA A 56 -9.42 -26.81 -11.94
CA ALA A 56 -9.97 -27.76 -10.97
C ALA A 56 -10.99 -27.17 -9.99
N THR A 57 -10.91 -25.86 -9.75
CA THR A 57 -11.72 -25.22 -8.70
C THR A 57 -12.60 -24.08 -9.20
N SER A 58 -12.29 -23.55 -10.38
CA SER A 58 -12.98 -22.37 -10.93
C SER A 58 -12.57 -21.07 -10.22
N ARG A 59 -11.63 -21.17 -9.28
CA ARG A 59 -11.16 -20.01 -8.50
C ARG A 59 -10.28 -19.08 -9.32
N GLU A 60 -10.47 -17.77 -9.13
CA GLU A 60 -9.64 -16.76 -9.78
C GLU A 60 -8.51 -16.28 -8.89
N TYR A 61 -7.29 -16.33 -9.42
CA TYR A 61 -6.11 -15.80 -8.75
C TYR A 61 -5.43 -14.74 -9.61
N ALA A 62 -4.74 -13.80 -8.95
CA ALA A 62 -3.84 -12.90 -9.65
C ALA A 62 -2.45 -13.50 -9.55
N ILE A 63 -1.96 -14.06 -10.65
CA ILE A 63 -0.66 -14.72 -10.63
C ILE A 63 0.44 -13.77 -11.07
N LYS A 64 1.40 -13.55 -10.19
CA LYS A 64 2.56 -12.72 -10.46
C LYS A 64 3.62 -13.58 -11.11
N ILE A 65 3.99 -13.23 -12.34
CA ILE A 65 4.96 -14.01 -13.11
C ILE A 65 6.27 -13.24 -13.27
N LEU A 66 7.37 -13.87 -12.86
CA LEU A 66 8.67 -13.23 -12.84
C LEU A 66 9.71 -14.08 -13.57
N GLU A 67 10.38 -13.48 -14.56
CA GLU A 67 11.39 -14.18 -15.35
C GLU A 67 12.71 -14.30 -14.59
N LYS A 68 13.14 -15.53 -14.35
CA LYS A 68 14.33 -15.82 -13.54
C LYS A 68 15.63 -15.21 -14.10
N ARG A 69 15.80 -15.24 -15.43
CA ARG A 69 17.01 -14.67 -16.06
C ARG A 69 17.15 -13.18 -15.77
N HIS A 70 16.06 -12.43 -15.93
CA HIS A 70 16.07 -10.98 -15.74
C HIS A 70 16.30 -10.58 -14.28
N ILE A 71 15.74 -11.38 -13.35
CA ILE A 71 15.97 -11.21 -11.91
C ILE A 71 17.46 -11.36 -11.58
N ILE A 72 18.07 -12.42 -12.11
CA ILE A 72 19.49 -12.71 -11.90
C ILE A 72 20.37 -11.63 -12.52
N LYS A 73 20.08 -11.27 -13.79
CA LYS A 73 20.84 -10.25 -14.51
C LYS A 73 20.87 -8.90 -13.78
N GLU A 74 19.72 -8.49 -13.24
CA GLU A 74 19.61 -7.19 -12.57
C GLU A 74 19.79 -7.28 -11.05
N ASN A 75 20.26 -8.43 -10.57
CA ASN A 75 20.54 -8.67 -9.15
C ASN A 75 19.36 -8.42 -8.22
N LYS A 76 18.23 -9.05 -8.51
CA LYS A 76 17.01 -8.84 -7.73
C LYS A 76 16.61 -10.06 -6.89
N VAL A 77 17.47 -11.08 -6.86
CA VAL A 77 17.20 -12.30 -6.08
C VAL A 77 16.89 -12.01 -4.61
N PRO A 78 17.68 -11.14 -3.93
CA PRO A 78 17.31 -10.78 -2.56
C PRO A 78 15.94 -10.11 -2.45
N TYR A 79 15.58 -9.29 -3.44
CA TYR A 79 14.30 -8.58 -3.46
C TYR A 79 13.11 -9.53 -3.65
N VAL A 80 13.21 -10.43 -4.61
CA VAL A 80 12.16 -11.39 -4.91
C VAL A 80 12.00 -12.42 -3.79
N THR A 81 13.13 -12.87 -3.24
CA THR A 81 13.13 -13.81 -2.11
C THR A 81 12.44 -13.19 -0.89
N ARG A 82 12.82 -11.95 -0.57
CA ARG A 82 12.20 -11.22 0.55
C ARG A 82 10.71 -10.97 0.31
N GLU A 83 10.36 -10.64 -0.94
CA GLU A 83 8.96 -10.45 -1.32
C GLU A 83 8.10 -11.68 -1.00
N ARG A 84 8.56 -12.86 -1.43
CA ARG A 84 7.85 -14.10 -1.15
C ARG A 84 7.79 -14.40 0.35
N ASP A 85 8.91 -14.18 1.04
CA ASP A 85 9.01 -14.42 2.47
C ASP A 85 8.07 -13.52 3.29
N VAL A 86 7.99 -12.24 2.90
CA VAL A 86 7.08 -11.30 3.55
C VAL A 86 5.61 -11.68 3.32
N MET A 87 5.27 -11.99 2.07
CA MET A 87 3.90 -12.38 1.71
C MET A 87 3.46 -13.68 2.39
N SER A 88 4.40 -14.60 2.61
CA SER A 88 4.14 -15.85 3.33
C SER A 88 3.72 -15.60 4.78
N ARG A 89 4.20 -14.50 5.35
CA ARG A 89 3.95 -14.18 6.76
C ARG A 89 2.67 -13.37 6.95
N LEU A 90 2.05 -12.96 5.84
CA LEU A 90 0.86 -12.12 5.89
C LEU A 90 -0.41 -12.96 6.01
N ASP A 91 -1.15 -12.72 7.10
CA ASP A 91 -2.39 -13.42 7.36
C ASP A 91 -3.42 -12.45 7.93
N HIS A 92 -3.83 -11.49 7.10
CA HIS A 92 -4.74 -10.42 7.49
C HIS A 92 -5.61 -10.04 6.28
N PRO A 93 -6.92 -9.82 6.51
CA PRO A 93 -7.84 -9.49 5.41
C PRO A 93 -7.48 -8.23 4.60
N PHE A 94 -6.75 -7.29 5.21
CA PHE A 94 -6.39 -6.05 4.51
C PHE A 94 -5.08 -6.15 3.70
N PHE A 95 -4.52 -7.36 3.64
CA PHE A 95 -3.33 -7.61 2.84
C PHE A 95 -3.53 -8.76 1.87
N VAL A 96 -2.89 -8.64 0.71
CA VAL A 96 -2.78 -9.73 -0.27
C VAL A 96 -2.35 -11.03 0.43
N LYS A 97 -2.85 -12.15 -0.08
CA LYS A 97 -2.46 -13.47 0.41
C LYS A 97 -1.71 -14.24 -0.67
N LEU A 98 -0.61 -14.90 -0.25
CA LEU A 98 0.12 -15.82 -1.12
C LEU A 98 -0.46 -17.22 -0.89
N TYR A 99 -1.14 -17.74 -1.92
CA TYR A 99 -1.79 -19.04 -1.82
C TYR A 99 -0.88 -20.20 -2.22
N PHE A 100 -0.04 -19.95 -3.22
CA PHE A 100 0.87 -20.96 -3.78
C PHE A 100 2.01 -20.31 -4.57
N THR A 101 3.09 -21.06 -4.73
CA THR A 101 4.17 -20.70 -5.64
C THR A 101 4.56 -21.92 -6.48
N PHE A 102 4.96 -21.68 -7.73
CA PHE A 102 5.61 -22.69 -8.54
C PHE A 102 6.55 -22.07 -9.56
N GLN A 103 7.29 -22.91 -10.27
CA GLN A 103 8.17 -22.44 -11.33
C GLN A 103 8.34 -23.48 -12.44
N ASP A 104 8.56 -22.98 -13.66
CA ASP A 104 9.03 -23.82 -14.75
C ASP A 104 10.50 -23.45 -15.03
N ASP A 105 10.96 -23.65 -16.27
CA ASP A 105 12.35 -23.38 -16.62
C ASP A 105 12.70 -21.89 -16.62
N GLU A 106 11.76 -21.06 -17.06
CA GLU A 106 12.03 -19.65 -17.29
C GLU A 106 11.49 -18.72 -16.19
N LYS A 107 10.38 -19.12 -15.57
CA LYS A 107 9.58 -18.18 -14.78
C LYS A 107 9.20 -18.66 -13.37
N LEU A 108 9.09 -17.69 -12.46
CA LEU A 108 8.48 -17.91 -11.13
C LEU A 108 7.03 -17.44 -11.16
N TYR A 109 6.17 -18.17 -10.45
CA TYR A 109 4.75 -17.85 -10.37
C TYR A 109 4.34 -17.70 -8.90
N PHE A 110 3.79 -16.55 -8.54
CA PHE A 110 3.23 -16.36 -7.21
C PHE A 110 1.71 -16.24 -7.32
N GLY A 111 1.00 -17.14 -6.67
CA GLY A 111 -0.47 -17.14 -6.71
C GLY A 111 -1.05 -16.24 -5.63
N LEU A 112 -1.55 -15.08 -6.04
CA LEU A 112 -2.04 -14.07 -5.11
C LEU A 112 -3.55 -13.95 -5.15
N SER A 113 -4.13 -13.36 -4.10
CA SER A 113 -5.56 -13.08 -4.09
C SER A 113 -5.91 -12.04 -5.14
N TYR A 114 -7.04 -12.24 -5.80
CA TYR A 114 -7.52 -11.34 -6.83
C TYR A 114 -8.45 -10.29 -6.23
N ALA A 115 -8.14 -9.02 -6.47
CA ALA A 115 -8.94 -7.90 -5.98
C ALA A 115 -9.78 -7.35 -7.12
N LYS A 116 -11.04 -7.80 -7.18
CA LYS A 116 -11.93 -7.55 -8.31
C LYS A 116 -12.07 -6.08 -8.73
N ASN A 117 -12.14 -5.20 -7.75
CA ASN A 117 -12.42 -3.79 -8.02
C ASN A 117 -11.19 -2.91 -8.31
N GLY A 118 -10.02 -3.53 -8.36
CA GLY A 118 -8.79 -2.85 -8.76
C GLY A 118 -8.23 -1.85 -7.76
N GLU A 119 -7.48 -0.88 -8.27
CA GLU A 119 -6.76 0.09 -7.45
C GLU A 119 -7.66 1.17 -6.86
N LEU A 120 -7.30 1.59 -5.64
CA LEU A 120 -7.93 2.75 -4.99
C LEU A 120 -7.79 4.02 -5.83
N LEU A 121 -6.64 4.15 -6.50
CA LEU A 121 -6.35 5.29 -7.37
C LEU A 121 -7.46 5.52 -8.41
N LYS A 122 -7.93 4.43 -9.02
CA LYS A 122 -9.04 4.47 -9.97
C LYS A 122 -10.26 5.21 -9.40
N TYR A 123 -10.63 4.88 -8.16
CA TYR A 123 -11.80 5.49 -7.51
C TYR A 123 -11.60 6.95 -7.11
N ILE A 124 -10.36 7.33 -6.80
CA ILE A 124 -10.03 8.73 -6.47
C ILE A 124 -10.22 9.61 -7.72
N ARG A 125 -9.73 9.12 -8.85
CA ARG A 125 -9.82 9.83 -10.12
C ARG A 125 -11.24 9.84 -10.69
N LYS A 126 -12.00 8.79 -10.39
CA LYS A 126 -13.39 8.66 -10.84
C LYS A 126 -14.35 9.63 -10.14
N ILE A 127 -14.30 9.68 -8.80
CA ILE A 127 -15.21 10.53 -8.03
C ILE A 127 -14.59 11.88 -7.61
N GLY A 128 -13.34 12.11 -8.00
CA GLY A 128 -12.67 13.37 -7.73
C GLY A 128 -11.99 13.43 -6.37
N SER A 129 -12.79 13.29 -5.31
CA SER A 129 -12.32 13.31 -3.93
C SER A 129 -13.38 12.74 -3.00
N PHE A 130 -12.95 11.98 -2.01
CA PHE A 130 -13.84 11.30 -1.07
C PHE A 130 -14.50 12.28 -0.11
N ASP A 131 -15.74 12.00 0.29
CA ASP A 131 -16.39 12.75 1.36
C ASP A 131 -15.80 12.34 2.71
N GLU A 132 -16.29 12.92 3.81
CA GLU A 132 -15.69 12.68 5.12
C GLU A 132 -15.89 11.25 5.61
N THR A 133 -17.10 10.71 5.40
CA THR A 133 -17.44 9.34 5.78
C THR A 133 -16.53 8.33 5.09
N CYS A 134 -16.34 8.49 3.78
CA CYS A 134 -15.50 7.59 2.99
C CYS A 134 -14.01 7.76 3.28
N THR A 135 -13.57 9.00 3.53
CA THR A 135 -12.18 9.26 3.90
C THR A 135 -11.85 8.56 5.22
N ARG A 136 -12.71 8.77 6.22
CA ARG A 136 -12.56 8.15 7.55
C ARG A 136 -12.49 6.62 7.50
N PHE A 137 -13.45 5.98 6.81
CA PHE A 137 -13.49 4.51 6.74
C PHE A 137 -12.25 3.91 6.06
N TYR A 138 -11.88 4.45 4.91
CA TYR A 138 -10.75 3.90 4.16
C TYR A 138 -9.40 4.23 4.79
N THR A 139 -9.30 5.39 5.41
CA THR A 139 -8.11 5.74 6.22
C THR A 139 -7.97 4.77 7.41
N ALA A 140 -9.08 4.51 8.10
CA ALA A 140 -9.11 3.57 9.23
C ALA A 140 -8.63 2.17 8.82
N GLU A 141 -9.07 1.71 7.64
CA GLU A 141 -8.63 0.42 7.12
C GLU A 141 -7.13 0.40 6.87
N ILE A 142 -6.60 1.48 6.30
CA ILE A 142 -5.17 1.61 6.05
C ILE A 142 -4.37 1.64 7.37
N VAL A 143 -4.88 2.38 8.37
CA VAL A 143 -4.23 2.45 9.69
C VAL A 143 -4.21 1.08 10.36
N SER A 144 -5.35 0.38 10.33
CA SER A 144 -5.46 -0.98 10.87
C SER A 144 -4.53 -1.95 10.16
N ALA A 145 -4.47 -1.86 8.83
CA ALA A 145 -3.56 -2.66 8.04
C ALA A 145 -2.10 -2.40 8.44
N LEU A 146 -1.74 -1.12 8.55
CA LEU A 146 -0.37 -0.75 8.91
C LEU A 146 0.00 -1.18 10.33
N GLU A 147 -0.96 -1.11 11.26
CA GLU A 147 -0.74 -1.56 12.63
C GLU A 147 -0.37 -3.05 12.66
N TYR A 148 -1.13 -3.86 11.93
CA TYR A 148 -0.80 -5.27 11.76
C TYR A 148 0.59 -5.45 11.16
N LEU A 149 0.84 -4.74 10.06
CA LEU A 149 2.09 -4.87 9.29
C LEU A 149 3.30 -4.50 10.14
N HIS A 150 3.25 -3.32 10.76
CA HIS A 150 4.36 -2.83 11.58
C HIS A 150 4.56 -3.66 12.85
N GLY A 151 3.48 -4.27 13.34
CA GLY A 151 3.53 -5.18 14.48
C GLY A 151 4.33 -6.44 14.20
N LYS A 152 4.47 -6.78 12.93
CA LYS A 152 5.30 -7.92 12.51
C LYS A 152 6.73 -7.48 12.17
N GLY A 153 7.01 -6.18 12.35
CA GLY A 153 8.32 -5.62 12.04
C GLY A 153 8.61 -5.51 10.55
N ILE A 154 7.57 -5.22 9.77
CA ILE A 154 7.69 -5.12 8.31
C ILE A 154 7.31 -3.71 7.87
N ILE A 155 8.14 -3.12 7.00
CA ILE A 155 7.87 -1.82 6.38
C ILE A 155 7.54 -2.07 4.92
N HIS A 156 6.49 -1.43 4.42
CA HIS A 156 6.10 -1.55 3.01
C HIS A 156 7.08 -0.82 2.09
N ARG A 157 7.32 0.47 2.39
CA ARG A 157 8.29 1.35 1.69
C ARG A 157 7.83 1.91 0.34
N ASP A 158 6.67 1.48 -0.14
CA ASP A 158 6.11 2.02 -1.38
C ASP A 158 4.57 2.08 -1.32
N LEU A 159 4.06 2.61 -0.21
CA LEU A 159 2.62 2.72 0.00
C LEU A 159 2.03 3.88 -0.81
N LYS A 160 1.00 3.56 -1.58
CA LYS A 160 0.37 4.50 -2.51
C LYS A 160 -0.97 3.93 -2.96
N PRO A 161 -1.92 4.80 -3.38
CA PRO A 161 -3.26 4.38 -3.83
C PRO A 161 -3.28 3.29 -4.90
N GLU A 162 -2.28 3.23 -5.77
CA GLU A 162 -2.23 2.18 -6.79
C GLU A 162 -1.83 0.81 -6.21
N ASN A 163 -1.20 0.83 -5.04
CA ASN A 163 -0.83 -0.40 -4.32
C ASN A 163 -1.89 -0.87 -3.32
N ILE A 164 -2.88 -0.02 -3.08
CA ILE A 164 -4.01 -0.35 -2.21
C ILE A 164 -5.20 -0.72 -3.09
N LEU A 165 -5.48 -2.02 -3.15
CA LEU A 165 -6.53 -2.52 -4.01
C LEU A 165 -7.85 -2.64 -3.26
N LEU A 166 -8.90 -2.96 -4.00
CA LEU A 166 -10.24 -3.12 -3.43
C LEU A 166 -10.86 -4.43 -3.91
N ASN A 167 -11.31 -5.25 -2.96
CA ASN A 167 -11.94 -6.52 -3.29
C ASN A 167 -13.39 -6.34 -3.75
N GLU A 168 -14.04 -7.44 -4.12
CA GLU A 168 -15.45 -7.41 -4.53
C GLU A 168 -16.35 -6.75 -3.48
N ASP A 169 -15.98 -6.90 -2.21
CA ASP A 169 -16.73 -6.31 -1.10
C ASP A 169 -16.33 -4.88 -0.77
N MET A 170 -15.39 -4.33 -1.56
CA MET A 170 -14.92 -2.94 -1.43
C MET A 170 -14.11 -2.64 -0.15
N HIS A 171 -13.55 -3.69 0.44
CA HIS A 171 -12.55 -3.56 1.49
C HIS A 171 -11.16 -3.56 0.86
N ILE A 172 -10.21 -2.92 1.53
CA ILE A 172 -8.85 -2.77 1.00
C ILE A 172 -8.05 -4.07 1.00
N GLN A 173 -7.15 -4.19 0.03
CA GLN A 173 -6.14 -5.25 -0.03
C GLN A 173 -4.83 -4.63 -0.50
N ILE A 174 -3.88 -4.51 0.42
CA ILE A 174 -2.59 -3.92 0.10
C ILE A 174 -1.67 -4.96 -0.51
N THR A 175 -1.08 -4.62 -1.66
CA THR A 175 -0.19 -5.52 -2.39
C THR A 175 1.18 -4.87 -2.66
N ASP A 176 1.94 -5.49 -3.56
CA ASP A 176 3.30 -5.06 -3.95
C ASP A 176 4.28 -4.99 -2.78
N PHE A 177 4.81 -6.15 -2.41
CA PHE A 177 5.78 -6.25 -1.33
C PHE A 177 7.19 -6.49 -1.87
N GLY A 178 7.42 -6.10 -3.12
CA GLY A 178 8.70 -6.31 -3.81
C GLY A 178 9.81 -5.40 -3.32
N THR A 179 9.45 -4.39 -2.54
CA THR A 179 10.43 -3.47 -1.99
C THR A 179 10.28 -3.31 -0.48
N ALA A 180 9.61 -4.28 0.14
CA ALA A 180 9.39 -4.29 1.59
C ALA A 180 10.68 -4.53 2.35
N LYS A 181 10.71 -4.06 3.60
CA LYS A 181 11.87 -4.21 4.47
C LYS A 181 11.45 -4.94 5.74
N VAL A 182 12.22 -5.97 6.11
CA VAL A 182 12.01 -6.68 7.37
C VAL A 182 13.05 -6.20 8.38
N LEU A 183 12.56 -5.63 9.48
CA LEU A 183 13.44 -5.10 10.52
C LEU A 183 13.87 -6.18 11.51
N SER A 184 15.13 -6.14 11.91
CA SER A 184 15.67 -7.04 12.93
C SER A 184 15.12 -6.66 14.31
N PHE A 195 16.71 2.00 -1.35
CA PHE A 195 15.68 1.78 -2.37
C PHE A 195 15.08 3.06 -2.96
N VAL A 196 14.40 3.85 -2.13
CA VAL A 196 13.60 5.01 -2.55
C VAL A 196 12.36 4.59 -3.36
N GLY A 197 11.17 4.83 -2.79
CA GLY A 197 9.90 4.40 -3.38
C GLY A 197 9.40 5.19 -4.57
N THR A 198 8.16 5.65 -4.48
CA THR A 198 7.55 6.51 -5.50
C THR A 198 7.67 7.97 -5.05
N ALA A 199 8.18 8.81 -5.95
CA ALA A 199 8.59 10.19 -5.63
C ALA A 199 7.60 10.97 -4.75
N GLN A 200 6.33 10.97 -5.16
CA GLN A 200 5.29 11.75 -4.50
C GLN A 200 5.01 11.31 -3.05
N TYR A 201 5.44 10.10 -2.69
CA TYR A 201 5.15 9.52 -1.36
C TYR A 201 6.41 9.26 -0.53
N VAL A 202 7.56 9.62 -1.08
CA VAL A 202 8.86 9.49 -0.41
C VAL A 202 8.96 10.41 0.80
N SER A 203 9.44 9.86 1.92
CA SER A 203 9.61 10.60 3.17
C SER A 203 10.94 11.37 3.18
N PRO A 204 11.01 12.48 3.95
CA PRO A 204 12.21 13.32 3.99
C PRO A 204 13.48 12.59 4.44
N GLU A 205 13.35 11.70 5.43
CA GLU A 205 14.51 10.97 5.97
C GLU A 205 15.20 10.09 4.93
N LEU A 206 14.43 9.59 3.97
CA LEU A 206 14.96 8.80 2.86
C LEU A 206 15.80 9.66 1.92
N LEU A 207 15.47 10.95 1.84
CA LEU A 207 16.20 11.92 1.02
C LEU A 207 17.42 12.50 1.75
N THR A 208 17.43 12.35 3.08
CA THR A 208 18.49 12.93 3.91
C THR A 208 19.49 11.88 4.41
N GLU A 209 18.97 10.80 4.99
CA GLU A 209 19.81 9.79 5.64
C GLU A 209 19.87 8.46 4.88
N LYS A 210 19.12 8.36 3.78
CA LYS A 210 18.97 7.13 3.00
C LYS A 210 18.39 5.97 3.83
N SER A 211 17.87 6.30 5.01
CA SER A 211 17.35 5.31 5.94
C SER A 211 15.82 5.22 5.90
N ALA A 212 15.31 4.01 6.11
CA ALA A 212 13.86 3.77 6.12
C ALA A 212 13.39 3.13 7.42
N CYS A 213 12.26 3.60 7.93
CA CYS A 213 11.67 3.05 9.14
C CYS A 213 10.14 2.93 9.00
N LYS A 214 9.48 2.48 10.06
CA LYS A 214 8.03 2.36 10.08
C LYS A 214 7.34 3.70 9.84
N SER A 215 7.98 4.77 10.33
CA SER A 215 7.48 6.13 10.21
C SER A 215 7.43 6.61 8.75
N SER A 216 8.20 5.96 7.88
CA SER A 216 8.18 6.26 6.45
C SER A 216 6.86 5.87 5.79
N ASP A 217 6.28 4.75 6.22
CA ASP A 217 4.95 4.32 5.78
C ASP A 217 3.88 5.30 6.29
N LEU A 218 4.11 5.83 7.49
CA LEU A 218 3.19 6.76 8.13
C LEU A 218 3.18 8.12 7.43
N TRP A 219 4.35 8.54 6.95
CA TRP A 219 4.45 9.71 6.08
C TRP A 219 3.60 9.49 4.83
N ALA A 220 3.76 8.33 4.20
CA ALA A 220 2.98 7.95 3.03
C ALA A 220 1.49 7.96 3.32
N LEU A 221 1.12 7.45 4.50
CA LEU A 221 -0.27 7.53 4.97
C LEU A 221 -0.80 8.96 4.96
N GLY A 222 -0.01 9.91 5.46
CA GLY A 222 -0.36 11.33 5.47
C GLY A 222 -0.60 11.92 4.09
N CYS A 223 0.22 11.48 3.12
CA CYS A 223 0.05 11.87 1.73
C CYS A 223 -1.24 11.29 1.14
N ILE A 224 -1.54 10.06 1.52
CA ILE A 224 -2.73 9.35 1.04
C ILE A 224 -4.02 9.98 1.57
N ILE A 225 -4.05 10.28 2.86
CA ILE A 225 -5.20 10.96 3.47
C ILE A 225 -5.46 12.30 2.78
N TYR A 226 -4.39 13.08 2.60
CA TYR A 226 -4.46 14.34 1.88
C TYR A 226 -5.06 14.14 0.49
N GLN A 227 -4.56 13.13 -0.23
CA GLN A 227 -5.03 12.80 -1.57
C GLN A 227 -6.50 12.38 -1.62
N LEU A 228 -6.94 11.64 -0.60
CA LEU A 228 -8.35 11.24 -0.51
C LEU A 228 -9.29 12.44 -0.36
N VAL A 229 -8.85 13.42 0.44
CA VAL A 229 -9.65 14.62 0.71
C VAL A 229 -9.54 15.67 -0.40
N ALA A 230 -8.31 15.91 -0.87
CA ALA A 230 -8.05 16.96 -1.85
C ALA A 230 -8.18 16.51 -3.30
N GLY A 231 -7.98 15.22 -3.55
CA GLY A 231 -8.07 14.66 -4.89
C GLY A 231 -6.71 14.43 -5.51
N LEU A 232 -5.69 15.07 -4.95
CA LEU A 232 -4.32 14.99 -5.44
C LEU A 232 -3.36 14.85 -4.25
N PRO A 233 -2.20 14.21 -4.47
CA PRO A 233 -1.17 14.15 -3.42
C PRO A 233 -0.60 15.54 -3.09
N PRO A 234 -0.11 15.73 -1.85
CA PRO A 234 0.31 17.06 -1.37
C PRO A 234 1.52 17.69 -2.07
N PHE A 235 2.52 16.88 -2.40
CA PHE A 235 3.74 17.38 -3.05
C PHE A 235 3.75 17.07 -4.54
N ARG A 236 3.58 18.12 -5.33
CA ARG A 236 3.47 18.00 -6.79
C ARG A 236 4.40 19.01 -7.47
N ALA A 237 5.10 18.56 -8.50
CA ALA A 237 6.01 19.42 -9.27
C ALA A 237 6.33 18.82 -10.63
N GLY A 238 7.00 19.61 -11.48
CA GLY A 238 7.30 19.22 -12.87
C GLY A 238 8.16 18.00 -13.04
N ASN A 239 9.06 17.76 -12.08
CA ASN A 239 9.94 16.61 -12.09
C ASN A 239 10.22 16.10 -10.68
N GLU A 240 10.97 14.99 -10.59
CA GLU A 240 11.28 14.36 -9.31
C GLU A 240 12.13 15.23 -8.38
N TYR A 241 13.19 15.82 -8.93
CA TYR A 241 14.05 16.72 -8.15
C TYR A 241 13.25 17.82 -7.47
N LEU A 242 12.33 18.43 -8.22
CA LEU A 242 11.48 19.51 -7.69
C LEU A 242 10.48 19.02 -6.65
N ILE A 243 10.05 17.76 -6.77
CA ILE A 243 9.18 17.10 -5.78
C ILE A 243 9.97 16.85 -4.49
N PHE A 244 11.19 16.33 -4.64
CA PHE A 244 12.06 16.07 -3.49
C PHE A 244 12.41 17.36 -2.74
N GLN A 245 12.59 18.45 -3.48
CA GLN A 245 12.78 19.79 -2.91
C GLN A 245 11.62 20.20 -2.01
N LYS A 246 10.40 19.98 -2.50
CA LYS A 246 9.18 20.34 -1.76
C LYS A 246 8.96 19.50 -0.51
N ILE A 247 9.33 18.22 -0.59
CA ILE A 247 9.20 17.29 0.53
C ILE A 247 10.06 17.73 1.73
N ILE A 248 11.35 17.96 1.50
CA ILE A 248 12.29 18.34 2.57
C ILE A 248 12.03 19.74 3.15
N LYS A 249 11.31 20.57 2.40
CA LYS A 249 10.94 21.92 2.83
C LYS A 249 9.54 21.94 3.44
N LEU A 250 8.85 20.81 3.38
CA LEU A 250 7.45 20.69 3.80
C LEU A 250 6.58 21.72 3.05
N GLU A 251 6.79 21.79 1.73
CA GLU A 251 6.14 22.78 0.88
C GLU A 251 4.85 22.25 0.25
N TYR A 252 3.75 22.43 0.98
CA TYR A 252 2.43 22.03 0.50
C TYR A 252 1.37 22.85 1.22
N ASP A 253 0.17 22.92 0.63
CA ASP A 253 -0.91 23.71 1.19
C ASP A 253 -2.20 22.91 1.26
N PHE A 254 -3.03 23.20 2.25
CA PHE A 254 -4.36 22.61 2.34
C PHE A 254 -5.36 23.51 1.61
N PRO A 255 -6.30 22.90 0.86
CA PRO A 255 -7.44 23.66 0.35
C PRO A 255 -8.32 24.08 1.53
N GLU A 256 -9.12 25.12 1.35
CA GLU A 256 -9.94 25.68 2.43
C GLU A 256 -11.06 24.74 2.91
N LYS A 257 -11.56 23.89 2.01
CA LYS A 257 -12.67 22.98 2.31
C LYS A 257 -12.22 21.79 3.17
N PHE A 258 -10.92 21.48 3.15
CA PHE A 258 -10.32 20.33 3.82
C PHE A 258 -10.88 20.13 5.23
N PHE A 259 -11.45 18.96 5.48
CA PHE A 259 -12.02 18.61 6.79
C PHE A 259 -11.04 18.93 7.92
N PRO A 260 -11.45 19.81 8.85
CA PRO A 260 -10.58 20.32 9.92
C PRO A 260 -9.81 19.24 10.69
N LYS A 261 -10.51 18.17 11.10
CA LYS A 261 -9.90 17.10 11.87
C LYS A 261 -8.99 16.23 11.01
N ALA A 262 -9.36 16.04 9.73
CA ALA A 262 -8.49 15.37 8.76
C ALA A 262 -7.19 16.16 8.56
N ARG A 263 -7.32 17.48 8.45
CA ARG A 263 -6.16 18.37 8.34
C ARG A 263 -5.21 18.23 9.54
N ASP A 264 -5.77 18.23 10.75
CA ASP A 264 -5.00 18.06 11.97
C ASP A 264 -4.19 16.75 11.96
N LEU A 265 -4.83 15.66 11.55
CA LEU A 265 -4.18 14.36 11.40
C LEU A 265 -3.02 14.39 10.40
N VAL A 266 -3.28 14.97 9.23
CA VAL A 266 -2.26 15.09 8.18
C VAL A 266 -1.06 15.90 8.67
N GLU A 267 -1.33 17.01 9.36
CA GLU A 267 -0.29 17.87 9.94
C GLU A 267 0.57 17.13 10.98
N LYS A 268 0.01 16.09 11.58
CA LYS A 268 0.71 15.27 12.58
C LYS A 268 1.40 14.04 11.99
N LEU A 269 1.15 13.78 10.70
CA LEU A 269 1.81 12.69 9.98
C LEU A 269 2.86 13.23 9.01
N LEU A 270 2.55 14.35 8.36
CA LEU A 270 3.51 15.02 7.50
C LEU A 270 4.41 15.91 8.34
N VAL A 271 5.32 15.25 9.06
CA VAL A 271 6.28 15.88 9.97
C VAL A 271 7.66 15.45 9.53
N LEU A 272 8.54 16.43 9.34
CA LEU A 272 9.90 16.18 8.83
C LEU A 272 10.71 15.23 9.72
N ASP A 273 10.61 15.44 11.04
CA ASP A 273 11.22 14.56 12.01
C ASP A 273 10.38 13.28 12.12
N ALA A 274 10.94 12.17 11.65
CA ALA A 274 10.26 10.87 11.65
C ALA A 274 9.95 10.37 13.08
N THR A 275 10.61 10.98 14.05
CA THR A 275 10.45 10.66 15.48
C THR A 275 9.18 11.29 16.08
N LYS A 276 8.60 12.27 15.37
CA LYS A 276 7.48 13.04 15.89
C LYS A 276 6.14 12.75 15.17
N ARG A 277 6.09 11.69 14.38
CA ARG A 277 4.87 11.36 13.64
C ARG A 277 3.94 10.45 14.43
N LEU A 278 2.65 10.80 14.45
CA LEU A 278 1.62 9.98 15.08
C LEU A 278 1.67 8.55 14.54
N GLY A 279 1.76 7.59 15.46
CA GLY A 279 1.81 6.17 15.10
C GLY A 279 3.16 5.52 15.31
N CYS A 280 4.22 6.32 15.28
CA CYS A 280 5.57 5.82 15.43
C CYS A 280 5.89 5.44 16.88
N GLU A 281 6.90 4.59 17.04
CA GLU A 281 7.25 4.03 18.35
C GLU A 281 7.60 5.10 19.39
N GLU A 282 8.33 6.13 18.95
CA GLU A 282 8.73 7.25 19.80
C GLU A 282 7.53 8.13 20.22
N MET A 283 6.42 8.00 19.48
CA MET A 283 5.18 8.70 19.82
C MET A 283 4.18 7.76 20.51
N GLU A 284 4.68 6.59 20.92
CA GLU A 284 3.93 5.58 21.67
C GLU A 284 2.94 4.76 20.84
N GLY A 285 3.16 4.73 19.53
CA GLY A 285 2.53 3.75 18.67
C GLY A 285 1.14 4.08 18.16
N TYR A 286 0.39 3.03 17.88
CA TYR A 286 -0.88 3.13 17.18
C TYR A 286 -2.05 3.58 18.04
N GLY A 287 -1.94 3.37 19.35
CA GLY A 287 -2.94 3.86 20.30
C GLY A 287 -3.33 5.32 20.06
N PRO A 288 -2.38 6.26 20.26
CA PRO A 288 -2.63 7.67 20.03
C PRO A 288 -3.12 8.00 18.61
N LEU A 289 -2.53 7.37 17.60
CA LEU A 289 -2.98 7.55 16.21
C LEU A 289 -4.47 7.19 16.05
N LYS A 290 -4.84 6.00 16.53
CA LYS A 290 -6.22 5.53 16.47
C LYS A 290 -7.18 6.38 17.33
N ALA A 291 -6.64 7.03 18.35
CA ALA A 291 -7.44 7.87 19.26
C ALA A 291 -7.64 9.30 18.75
N HIS A 292 -7.06 9.62 17.60
CA HIS A 292 -7.20 10.94 17.01
C HIS A 292 -8.67 11.28 16.72
N PRO A 293 -9.09 12.52 17.04
CA PRO A 293 -10.48 12.99 16.85
C PRO A 293 -11.12 12.69 15.49
N PHE A 294 -10.32 12.60 14.44
CA PHE A 294 -10.83 12.24 13.11
C PHE A 294 -11.45 10.84 13.10
N PHE A 295 -10.94 9.96 13.95
CA PHE A 295 -11.42 8.57 14.06
C PHE A 295 -12.43 8.35 15.18
N GLU A 296 -12.94 9.45 15.75
CA GLU A 296 -13.87 9.41 16.88
C GLU A 296 -14.91 8.29 16.77
N SER A 297 -15.66 8.27 15.67
CA SER A 297 -16.78 7.34 15.49
C SER A 297 -16.41 5.95 14.96
N VAL A 298 -15.10 5.70 14.75
CA VAL A 298 -14.62 4.42 14.21
C VAL A 298 -14.65 3.30 15.23
N THR A 299 -15.17 2.13 14.82
CA THR A 299 -15.02 0.90 15.58
C THR A 299 -13.85 0.11 14.99
N TRP A 300 -12.71 0.14 15.67
CA TRP A 300 -11.44 -0.38 15.16
C TRP A 300 -11.36 -1.90 15.11
N GLU A 301 -12.11 -2.56 15.99
CA GLU A 301 -11.95 -4.00 16.22
C GLU A 301 -12.47 -4.93 15.12
N ASN A 302 -13.39 -4.45 14.29
CA ASN A 302 -14.03 -5.30 13.28
C ASN A 302 -14.28 -4.64 11.92
N LEU A 303 -13.34 -3.81 11.48
CA LEU A 303 -13.51 -3.03 10.23
C LEU A 303 -13.90 -3.84 9.00
N HIS A 304 -13.31 -5.02 8.82
CA HIS A 304 -13.58 -5.83 7.62
C HIS A 304 -14.94 -6.55 7.67
N GLN A 305 -15.60 -6.53 8.83
CA GLN A 305 -16.97 -7.03 8.96
C GLN A 305 -18.00 -5.95 8.64
N GLN A 306 -17.60 -4.68 8.79
CA GLN A 306 -18.47 -3.55 8.52
C GLN A 306 -18.70 -3.40 7.01
N THR A 307 -19.85 -2.87 6.64
CA THR A 307 -20.15 -2.59 5.24
C THR A 307 -19.63 -1.20 4.86
N PRO A 308 -18.71 -1.14 3.87
CA PRO A 308 -18.10 0.12 3.45
C PRO A 308 -19.13 1.13 2.94
N PRO A 309 -18.90 2.43 3.22
CA PRO A 309 -19.78 3.47 2.69
C PRO A 309 -19.63 3.59 1.18
N LYS A 310 -20.73 3.92 0.49
CA LYS A 310 -20.70 4.04 -0.97
C LYS A 310 -19.92 5.27 -1.41
N LEU A 311 -19.06 5.08 -2.41
CA LEU A 311 -18.23 6.16 -2.94
C LEU A 311 -19.01 6.98 -3.96
N THR A 312 -19.40 8.19 -3.56
CA THR A 312 -20.15 9.10 -4.41
C THR A 312 -19.44 10.46 -4.51
#